data_6VE5
#
_entry.id   6VE5
#
_cell.length_a   59.990
_cell.length_b   59.990
_cell.length_c   132.470
_cell.angle_alpha   90.000
_cell.angle_beta   90.000
_cell.angle_gamma   120.000
#
_symmetry.space_group_name_H-M   'P 32 2 1'
#
loop_
_entity.id
_entity.type
_entity.pdbx_description
1 polymer 'Mitotic spindle assembly checkpoint protein MAD2B'
2 polymer 'Shieldin complex subunit 3'
3 non-polymer 'SULFATE ION'
4 water water
#
loop_
_entity_poly.entity_id
_entity_poly.type
_entity_poly.pdbx_seq_one_letter_code
_entity_poly.pdbx_strand_id
1 'polypeptide(L)'
;GPGHMTTLTRQDLNFGQVVADVLCEFLEVAVHLILYVREVYPVGIFQKRKKYNVPVQMSCHPELNQYIQDTLHCVKPLLE
KNDVEKVVVVILDKEHRPVEKFVFEITQPPLLSISSDSLLSHVEQLLAAFILKISVCDAVLDHNPPGCTFTVLVHTREAA
TRNMEKIQVIKDFPWILADEQDVHMHDPRLIPLKTMTSDILKMQLYVEERAHKGS
;
A
2 'polypeptide(L)' MWFPYDGSKLPLRPKRSPPVISEEAAEDVKQYLTI B
#
loop_
_chem_comp.id
_chem_comp.type
_chem_comp.name
_chem_comp.formula
SO4 non-polymer 'SULFATE ION' 'O4 S -2'
#
# COMPACT_ATOMS: atom_id res chain seq x y z
N GLN A 11 -6.85 -19.63 -21.77
CA GLN A 11 -5.77 -20.11 -22.67
C GLN A 11 -4.67 -20.78 -21.82
N ASP A 12 -3.71 -20.00 -21.36
CA ASP A 12 -2.59 -20.53 -20.52
C ASP A 12 -2.39 -19.62 -19.31
N LEU A 13 -1.64 -20.09 -18.31
CA LEU A 13 -1.33 -19.35 -17.05
C LEU A 13 -0.37 -18.19 -17.37
N ASN A 14 -0.42 -17.12 -16.58
CA ASN A 14 0.42 -15.93 -16.72
C ASN A 14 0.91 -15.52 -15.34
N PHE A 15 2.17 -15.84 -15.02
CA PHE A 15 2.68 -15.59 -13.68
C PHE A 15 2.82 -14.10 -13.40
N GLY A 16 2.91 -13.26 -14.43
CA GLY A 16 2.82 -11.83 -14.18
C GLY A 16 1.49 -11.45 -13.54
N GLN A 17 0.41 -12.10 -13.97
CA GLN A 17 -0.89 -11.84 -13.36
C GLN A 17 -0.95 -12.44 -11.96
N VAL A 18 -0.38 -13.62 -11.77
CA VAL A 18 -0.34 -14.22 -10.44
C VAL A 18 0.34 -13.27 -9.46
N VAL A 19 1.48 -12.71 -9.88
CA VAL A 19 2.20 -11.77 -9.01
C VAL A 19 1.36 -10.55 -8.75
N ALA A 20 0.68 -10.03 -9.77
CA ALA A 20 -0.17 -8.85 -9.59
C ALA A 20 -1.28 -9.14 -8.59
N ASP A 21 -1.90 -10.32 -8.68
CA ASP A 21 -2.94 -10.70 -7.74
C ASP A 21 -2.39 -10.80 -6.32
N VAL A 22 -1.26 -11.47 -6.15
CA VAL A 22 -0.66 -11.61 -4.83
C VAL A 22 -0.33 -10.23 -4.24
N LEU A 23 0.27 -9.35 -5.05
CA LEU A 23 0.69 -8.05 -4.54
C LEU A 23 -0.49 -7.15 -4.21
N CYS A 24 -1.56 -7.21 -5.00
CA CYS A 24 -2.73 -6.39 -4.70
C CYS A 24 -3.41 -6.87 -3.42
N GLU A 25 -3.54 -8.18 -3.25
CA GLU A 25 -4.07 -8.70 -2.00
C GLU A 25 -3.21 -8.28 -0.82
N PHE A 26 -1.89 -8.37 -0.97
CA PHE A 26 -0.99 -8.04 0.14
C PHE A 26 -0.98 -6.54 0.41
N LEU A 27 -0.96 -5.72 -0.64
CA LEU A 27 -0.92 -4.28 -0.45
C LEU A 27 -2.17 -3.77 0.25
N GLU A 28 -3.33 -4.38 -0.06
CA GLU A 28 -4.54 -3.99 0.65
C GLU A 28 -4.39 -4.22 2.16
N VAL A 29 -3.94 -5.41 2.55
CA VAL A 29 -3.74 -5.72 3.96
C VAL A 29 -2.71 -4.78 4.56
N ALA A 30 -1.64 -4.49 3.81
CA ALA A 30 -0.57 -3.64 4.33
C ALA A 30 -1.04 -2.21 4.51
N VAL A 31 -1.78 -1.67 3.53
CA VAL A 31 -2.34 -0.33 3.68
C VAL A 31 -3.21 -0.25 4.93
N HIS A 32 -4.13 -1.19 5.08
CA HIS A 32 -4.98 -1.20 6.26
C HIS A 32 -4.14 -1.18 7.54
N LEU A 33 -3.10 -2.02 7.60
CA LEU A 33 -2.33 -2.12 8.84
C LEU A 33 -1.51 -0.86 9.08
N ILE A 34 -0.99 -0.25 8.01
CA ILE A 34 -0.32 1.04 8.14
C ILE A 34 -1.25 2.06 8.78
N LEU A 35 -2.46 2.17 8.24
CA LEU A 35 -3.41 3.14 8.78
C LEU A 35 -3.68 2.88 10.26
N TYR A 36 -3.72 1.60 10.66
CA TYR A 36 -3.94 1.29 12.06
C TYR A 36 -2.75 1.69 12.92
N VAL A 37 -1.55 1.24 12.56
CA VAL A 37 -0.38 1.43 13.41
C VAL A 37 0.07 2.88 13.41
N ARG A 38 -0.24 3.65 12.37
CA ARG A 38 0.06 5.07 12.37
C ARG A 38 -1.12 5.92 12.81
N GLU A 39 -2.24 5.29 13.18
CA GLU A 39 -3.38 5.98 13.80
C GLU A 39 -3.90 7.10 12.91
N VAL A 40 -4.02 6.81 11.61
CA VAL A 40 -4.52 7.80 10.67
C VAL A 40 -6.02 7.98 10.81
N TYR A 41 -6.72 6.95 11.28
CA TYR A 41 -8.15 6.97 11.50
C TYR A 41 -8.45 6.47 12.91
N PRO A 42 -9.66 6.73 13.41
CA PRO A 42 -10.02 6.21 14.74
C PRO A 42 -9.90 4.69 14.78
N VAL A 43 -9.37 4.20 15.91
CA VAL A 43 -9.14 2.76 16.07
C VAL A 43 -10.45 1.98 15.96
N GLY A 44 -11.58 2.61 16.24
CA GLY A 44 -12.84 1.88 16.32
C GLY A 44 -13.24 1.17 15.04
N ILE A 45 -12.75 1.67 13.89
CA ILE A 45 -13.15 1.08 12.61
C ILE A 45 -12.46 -0.24 12.33
N PHE A 46 -11.41 -0.57 13.07
CA PHE A 46 -10.59 -1.73 12.76
C PHE A 46 -11.05 -2.96 13.51
N GLN A 47 -10.93 -4.11 12.86
CA GLN A 47 -11.26 -5.41 13.44
C GLN A 47 -10.07 -6.34 13.24
N LYS A 48 -9.64 -6.99 14.31
CA LYS A 48 -8.48 -7.87 14.23
C LYS A 48 -8.84 -9.12 13.43
N ARG A 49 -7.94 -9.52 12.53
CA ARG A 49 -8.16 -10.65 11.67
C ARG A 49 -6.82 -11.37 11.47
N LYS A 50 -6.85 -12.46 10.69
CA LYS A 50 -5.69 -13.28 10.43
C LYS A 50 -5.42 -13.28 8.93
N LYS A 51 -4.21 -12.91 8.55
CA LYS A 51 -3.76 -12.96 7.16
C LYS A 51 -2.32 -13.46 7.15
N TYR A 52 -2.02 -14.37 6.23
CA TYR A 52 -0.70 -15.00 6.17
C TYR A 52 -0.34 -15.62 7.51
N ASN A 53 -1.35 -16.04 8.27
CA ASN A 53 -1.20 -16.68 9.57
C ASN A 53 -0.69 -15.76 10.66
N VAL A 54 -0.76 -14.44 10.45
CA VAL A 54 -0.30 -13.49 11.45
C VAL A 54 -1.42 -12.49 11.76
N PRO A 55 -1.43 -11.88 12.93
CA PRO A 55 -2.49 -10.93 13.27
C PRO A 55 -2.40 -9.67 12.42
N VAL A 56 -3.57 -9.18 12.01
CA VAL A 56 -3.67 -7.96 11.21
C VAL A 56 -4.88 -7.17 11.71
N GLN A 57 -4.98 -5.92 11.24
CA GLN A 57 -6.07 -5.03 11.58
C GLN A 57 -6.69 -4.53 10.29
N MET A 58 -7.96 -4.86 10.06
CA MET A 58 -8.67 -4.50 8.84
C MET A 58 -9.76 -3.49 9.16
N SER A 59 -9.83 -2.44 8.36
CA SER A 59 -10.91 -1.48 8.46
C SER A 59 -12.23 -2.10 8.04
N CYS A 60 -13.30 -1.76 8.76
CA CYS A 60 -14.65 -2.16 8.39
C CYS A 60 -15.47 -0.96 7.91
N HIS A 61 -14.82 0.18 7.70
CA HIS A 61 -15.51 1.35 7.19
C HIS A 61 -15.76 1.18 5.69
N PRO A 62 -17.01 1.16 5.23
CA PRO A 62 -17.25 0.78 3.82
C PRO A 62 -16.58 1.71 2.81
N GLU A 63 -16.68 3.02 3.01
CA GLU A 63 -16.15 3.93 2.00
C GLU A 63 -14.62 3.87 1.94
N LEU A 64 -13.95 3.81 3.09
CA LEU A 64 -12.50 3.68 3.09
C LEU A 64 -12.05 2.40 2.39
N ASN A 65 -12.73 1.29 2.65
CA ASN A 65 -12.34 0.03 2.03
C ASN A 65 -12.48 0.11 0.51
N GLN A 66 -13.54 0.75 0.03
CA GLN A 66 -13.74 0.86 -1.41
C GLN A 66 -12.71 1.78 -2.05
N TYR A 67 -12.32 2.83 -1.35
CA TYR A 67 -11.26 3.72 -1.84
C TYR A 67 -9.96 2.96 -2.01
N ILE A 68 -9.57 2.16 -1.00
CA ILE A 68 -8.33 1.40 -1.09
C ILE A 68 -8.43 0.37 -2.20
N GLN A 69 -9.57 -0.32 -2.30
CA GLN A 69 -9.72 -1.33 -3.33
C GLN A 69 -9.75 -0.71 -4.72
N ASP A 70 -10.43 0.43 -4.89
CA ASP A 70 -10.41 1.12 -6.17
C ASP A 70 -8.99 1.50 -6.57
N THR A 71 -8.20 1.98 -5.61
CA THR A 71 -6.81 2.35 -5.89
C THR A 71 -6.03 1.17 -6.44
N LEU A 72 -6.16 0.00 -5.79
CA LEU A 72 -5.38 -1.16 -6.18
C LEU A 72 -5.90 -1.82 -7.44
N HIS A 73 -7.21 -1.76 -7.68
CA HIS A 73 -7.74 -2.24 -8.96
C HIS A 73 -7.09 -1.52 -10.13
N CYS A 74 -6.81 -0.22 -9.95
CA CYS A 74 -6.15 0.54 -11.00
C CYS A 74 -4.69 0.14 -11.16
N VAL A 75 -4.03 -0.26 -10.08
CA VAL A 75 -2.61 -0.56 -10.13
C VAL A 75 -2.36 -1.97 -10.68
N LYS A 76 -3.32 -2.88 -10.53
CA LYS A 76 -3.10 -4.28 -10.89
C LYS A 76 -2.63 -4.48 -12.32
N PRO A 77 -3.23 -3.87 -13.34
CA PRO A 77 -2.73 -4.11 -14.71
C PRO A 77 -1.31 -3.60 -14.92
N LEU A 78 -0.92 -2.52 -14.26
CA LEU A 78 0.46 -2.06 -14.35
C LEU A 78 1.40 -3.07 -13.72
N LEU A 79 0.98 -3.71 -12.63
CA LEU A 79 1.79 -4.76 -12.01
C LEU A 79 1.89 -5.99 -12.90
N GLU A 80 0.79 -6.34 -13.58
CA GLU A 80 0.80 -7.50 -14.45
C GLU A 80 1.82 -7.35 -15.58
N LYS A 81 1.99 -6.14 -16.08
CA LYS A 81 2.96 -5.86 -17.13
C LYS A 81 4.32 -5.49 -16.58
N ASN A 82 4.51 -5.55 -15.25
CA ASN A 82 5.79 -5.22 -14.64
C ASN A 82 6.22 -3.80 -14.98
N ASP A 83 5.27 -2.86 -14.95
CA ASP A 83 5.56 -1.46 -15.23
C ASP A 83 5.58 -0.60 -13.97
N VAL A 84 5.47 -1.22 -12.80
CA VAL A 84 5.48 -0.51 -11.53
C VAL A 84 6.86 -0.66 -10.89
N GLU A 85 7.49 0.46 -10.56
CA GLU A 85 8.74 0.46 -9.83
C GLU A 85 8.53 0.46 -8.32
N LYS A 86 7.60 1.27 -7.84
CA LYS A 86 7.29 1.26 -6.42
C LYS A 86 5.87 1.80 -6.21
N VAL A 87 5.22 1.25 -5.19
CA VAL A 87 3.97 1.76 -4.66
C VAL A 87 4.29 2.37 -3.30
N VAL A 88 3.80 3.59 -3.05
CA VAL A 88 4.15 4.33 -1.85
C VAL A 88 2.88 4.79 -1.15
N VAL A 89 2.77 4.47 0.13
CA VAL A 89 1.70 4.95 0.98
C VAL A 89 2.26 6.16 1.71
N VAL A 90 1.70 7.35 1.43
CA VAL A 90 2.21 8.59 1.99
C VAL A 90 1.25 9.07 3.09
N ILE A 91 1.81 9.36 4.25
CA ILE A 91 1.06 10.03 5.32
C ILE A 91 1.31 11.53 5.18
N LEU A 92 0.23 12.30 5.10
CA LEU A 92 0.30 13.74 4.91
C LEU A 92 -0.22 14.45 6.14
N ASP A 93 0.40 15.58 6.49
CA ASP A 93 -0.06 16.37 7.61
C ASP A 93 -1.20 17.29 7.17
N LYS A 94 -1.70 18.12 8.11
CA LYS A 94 -2.77 19.05 7.78
C LYS A 94 -2.38 20.01 6.67
N GLU A 95 -1.09 20.31 6.54
CA GLU A 95 -0.58 21.27 5.54
C GLU A 95 -0.34 20.60 4.19
N HIS A 96 -0.73 19.35 4.05
CA HIS A 96 -0.56 18.60 2.80
C HIS A 96 0.90 18.24 2.53
N ARG A 97 1.74 18.18 3.56
CA ARG A 97 3.16 17.86 3.41
C ARG A 97 3.44 16.45 3.88
N PRO A 98 4.20 15.67 3.12
CA PRO A 98 4.51 14.30 3.57
C PRO A 98 5.22 14.29 4.91
N VAL A 99 4.78 13.38 5.78
CA VAL A 99 5.39 13.22 7.10
C VAL A 99 6.00 11.82 7.20
N GLU A 100 5.42 10.86 6.49
CA GLU A 100 5.95 9.50 6.44
C GLU A 100 5.62 8.91 5.08
N LYS A 101 6.52 8.06 4.59
CA LYS A 101 6.34 7.38 3.31
C LYS A 101 6.71 5.92 3.47
N PHE A 102 5.75 5.03 3.29
CA PHE A 102 5.99 3.59 3.29
C PHE A 102 6.16 3.17 1.83
N VAL A 103 7.40 2.86 1.46
CA VAL A 103 7.78 2.61 0.07
C VAL A 103 7.87 1.11 -0.15
N PHE A 104 7.06 0.60 -1.08
CA PHE A 104 7.13 -0.79 -1.52
C PHE A 104 7.83 -0.81 -2.87
N GLU A 105 9.11 -1.16 -2.87
CA GLU A 105 9.89 -1.28 -4.10
C GLU A 105 9.70 -2.68 -4.66
N ILE A 106 9.22 -2.75 -5.90
CA ILE A 106 8.77 -4.00 -6.49
C ILE A 106 9.60 -4.27 -7.74
N THR A 107 10.20 -5.45 -7.80
CA THR A 107 10.97 -5.87 -8.97
C THR A 107 10.54 -7.28 -9.35
N GLN A 108 10.09 -7.43 -10.60
CA GLN A 108 9.83 -8.76 -11.14
C GLN A 108 10.96 -9.12 -12.08
N PRO A 109 11.72 -10.19 -11.83
CA PRO A 109 12.82 -10.53 -12.71
C PRO A 109 12.32 -10.71 -14.14
N PRO A 110 13.16 -10.40 -15.13
CA PRO A 110 12.73 -10.59 -16.53
C PRO A 110 12.48 -12.03 -16.88
N LEU A 111 13.18 -12.96 -16.23
CA LEU A 111 12.92 -14.39 -16.39
C LEU A 111 12.75 -15.01 -15.01
N LEU A 112 11.71 -15.79 -14.84
CA LEU A 112 11.43 -16.49 -13.59
C LEU A 112 11.88 -17.95 -13.69
N SER A 113 12.37 -18.48 -12.57
CA SER A 113 12.67 -19.90 -12.43
C SER A 113 11.84 -20.40 -11.25
N ILE A 114 10.76 -21.11 -11.54
CA ILE A 114 9.70 -21.38 -10.58
C ILE A 114 9.83 -22.81 -10.08
N SER A 115 9.90 -22.96 -8.76
CA SER A 115 9.90 -24.29 -8.15
C SER A 115 8.52 -24.92 -8.26
N SER A 116 8.49 -26.25 -8.15
CA SER A 116 7.26 -27.01 -8.32
C SER A 116 6.48 -27.20 -7.03
N ASP A 117 7.10 -26.97 -5.88
CA ASP A 117 6.44 -27.27 -4.59
C ASP A 117 5.83 -26.02 -3.94
N SER A 118 4.53 -25.79 -4.15
CA SER A 118 3.75 -24.77 -3.44
C SER A 118 4.17 -23.31 -3.52
N LEU A 119 4.20 -22.76 -4.73
CA LEU A 119 4.56 -21.35 -4.89
C LEU A 119 3.91 -20.37 -3.92
N LEU A 120 2.58 -20.27 -3.96
CA LEU A 120 1.89 -19.27 -3.15
C LEU A 120 2.22 -19.42 -1.67
N SER A 121 2.28 -20.66 -1.17
CA SER A 121 2.56 -20.87 0.24
C SER A 121 3.90 -20.28 0.64
N HIS A 122 4.92 -20.45 -0.21
CA HIS A 122 6.23 -19.89 0.08
C HIS A 122 6.19 -18.37 0.06
N VAL A 123 5.58 -17.78 -0.97
CA VAL A 123 5.49 -16.33 -1.06
C VAL A 123 4.73 -15.77 0.14
N GLU A 124 3.62 -16.42 0.53
CA GLU A 124 2.80 -15.92 1.63
C GLU A 124 3.57 -15.94 2.95
N GLN A 125 4.43 -16.93 3.14
CA GLN A 125 5.28 -16.95 4.33
C GLN A 125 6.23 -15.77 4.34
N LEU A 126 6.75 -15.40 3.17
CA LEU A 126 7.67 -14.26 3.09
C LEU A 126 6.93 -12.95 3.33
N LEU A 127 5.70 -12.83 2.82
CA LEU A 127 4.94 -11.61 3.03
C LEU A 127 4.56 -11.43 4.49
N ALA A 128 4.32 -12.53 5.22
CA ALA A 128 3.96 -12.42 6.62
C ALA A 128 5.02 -11.66 7.42
N ALA A 129 6.28 -11.75 7.00
CA ALA A 129 7.35 -11.02 7.70
C ALA A 129 7.19 -9.51 7.51
N PHE A 130 6.80 -9.07 6.32
CA PHE A 130 6.50 -7.66 6.10
C PHE A 130 5.41 -7.19 7.05
N ILE A 131 4.34 -7.97 7.16
CA ILE A 131 3.22 -7.59 8.04
C ILE A 131 3.71 -7.46 9.47
N LEU A 132 4.49 -8.44 9.94
CA LEU A 132 5.00 -8.37 11.31
C LEU A 132 5.83 -7.12 11.54
N LYS A 133 6.68 -6.76 10.56
CA LYS A 133 7.50 -5.57 10.72
C LYS A 133 6.64 -4.31 10.80
N ILE A 134 5.69 -4.16 9.88
CA ILE A 134 4.77 -3.02 9.93
C ILE A 134 4.08 -2.97 11.29
N SER A 135 3.74 -4.14 11.84
CA SER A 135 2.99 -4.19 13.08
C SER A 135 3.73 -3.54 14.24
N VAL A 136 5.06 -3.45 14.17
CA VAL A 136 5.85 -2.93 15.28
C VAL A 136 6.71 -1.74 14.86
N CYS A 137 6.47 -1.17 13.68
CA CYS A 137 7.28 -0.05 13.23
C CYS A 137 7.04 1.21 14.06
N ASP A 138 5.93 1.27 14.81
CA ASP A 138 5.66 2.40 15.68
C ASP A 138 6.65 2.48 16.84
N ALA A 139 7.40 1.41 17.11
CA ALA A 139 8.39 1.44 18.17
C ALA A 139 9.59 2.31 17.84
N VAL A 140 9.80 2.64 16.56
CA VAL A 140 10.94 3.45 16.16
C VAL A 140 10.53 4.74 15.44
N LEU A 141 9.28 4.87 15.03
CA LEU A 141 8.79 6.09 14.42
C LEU A 141 8.23 7.02 15.49
N ASP A 142 8.44 8.31 15.31
CA ASP A 142 7.80 9.29 16.18
C ASP A 142 6.30 9.38 15.87
N HIS A 143 5.51 9.65 16.91
CA HIS A 143 4.07 9.78 16.75
C HIS A 143 3.75 10.90 15.77
N ASN A 144 2.89 10.61 14.80
CA ASN A 144 2.53 11.60 13.80
C ASN A 144 1.71 12.73 14.43
N PRO A 145 1.74 13.92 13.84
CA PRO A 145 0.89 15.01 14.35
C PRO A 145 -0.58 14.67 14.16
N PRO A 146 -1.47 15.34 14.89
CA PRO A 146 -2.90 15.08 14.70
C PRO A 146 -3.37 15.55 13.33
N GLY A 147 -4.40 14.88 12.83
CA GLY A 147 -5.06 15.31 11.61
C GLY A 147 -4.39 14.89 10.32
N CYS A 148 -3.56 13.85 10.35
CA CYS A 148 -2.92 13.39 9.12
C CYS A 148 -3.92 12.64 8.25
N THR A 149 -3.65 12.66 6.95
CA THR A 149 -4.37 11.86 5.96
C THR A 149 -3.34 11.02 5.20
N PHE A 150 -3.82 10.28 4.19
CA PHE A 150 -2.91 9.46 3.41
C PHE A 150 -3.27 9.54 1.94
N THR A 151 -2.32 9.12 1.11
CA THR A 151 -2.50 9.00 -0.33
C THR A 151 -1.59 7.88 -0.80
N VAL A 152 -1.77 7.45 -2.04
CA VAL A 152 -0.97 6.38 -2.64
C VAL A 152 -0.32 6.90 -3.91
N LEU A 153 0.99 6.74 -4.01
CA LEU A 153 1.76 7.17 -5.17
C LEU A 153 2.27 5.94 -5.92
N VAL A 154 2.13 5.95 -7.23
CA VAL A 154 2.59 4.87 -8.08
C VAL A 154 3.70 5.41 -8.98
N HIS A 155 4.91 4.89 -8.81
CA HIS A 155 6.05 5.21 -9.66
C HIS A 155 6.17 4.13 -10.73
N THR A 156 6.10 4.53 -12.00
CA THR A 156 6.18 3.59 -13.11
C THR A 156 7.58 3.57 -13.69
N ARG A 157 7.89 2.50 -14.41
CA ARG A 157 9.19 2.37 -15.05
C ARG A 157 9.30 3.34 -16.23
N GLU A 158 10.53 3.77 -16.51
CA GLU A 158 10.75 4.77 -17.55
C GLU A 158 10.21 4.32 -18.89
N ALA A 159 10.35 3.02 -19.20
CA ALA A 159 9.91 2.50 -20.48
C ALA A 159 8.41 2.26 -20.54
N ALA A 160 7.69 2.38 -19.42
CA ALA A 160 6.26 2.16 -19.43
C ALA A 160 5.58 3.20 -20.31
N THR A 161 4.60 2.74 -21.10
CA THR A 161 3.95 3.57 -22.10
C THR A 161 2.47 3.69 -21.80
N ARG A 162 1.92 4.89 -22.05
CA ARG A 162 0.49 5.15 -21.87
C ARG A 162 0.03 4.82 -20.46
N ASN A 163 0.85 5.20 -19.46
CA ASN A 163 0.50 4.92 -18.08
C ASN A 163 -0.79 5.61 -17.69
N MET A 164 -0.96 6.87 -18.09
CA MET A 164 -2.14 7.62 -17.67
C MET A 164 -3.43 6.97 -18.17
N GLU A 165 -3.39 6.32 -19.33
CA GLU A 165 -4.58 5.64 -19.83
C GLU A 165 -4.72 4.24 -19.22
N LYS A 166 -3.61 3.55 -19.01
CA LYS A 166 -3.66 2.18 -18.51
C LYS A 166 -4.13 2.11 -17.07
N ILE A 167 -3.90 3.18 -16.29
CA ILE A 167 -4.23 3.14 -14.86
C ILE A 167 -5.66 3.56 -14.59
N GLN A 168 -6.38 4.10 -15.57
CA GLN A 168 -7.75 4.56 -15.38
C GLN A 168 -8.72 3.39 -15.55
N VAL A 169 -8.62 2.43 -14.62
CA VAL A 169 -9.43 1.21 -14.71
C VAL A 169 -10.87 1.47 -14.24
N ILE A 170 -11.04 2.28 -13.19
CA ILE A 170 -12.30 2.40 -12.49
C ILE A 170 -13.01 3.68 -12.92
N LYS A 171 -14.29 3.56 -13.24
CA LYS A 171 -15.11 4.73 -13.55
C LYS A 171 -15.19 5.65 -12.34
N ASP A 172 -15.05 6.95 -12.58
CA ASP A 172 -15.15 7.99 -11.55
C ASP A 172 -14.05 7.92 -10.52
N PHE A 173 -12.91 7.29 -10.85
CA PHE A 173 -11.74 7.25 -9.98
C PHE A 173 -10.52 7.62 -10.80
N PRO A 174 -10.42 8.89 -11.22
CA PRO A 174 -9.31 9.30 -12.08
C PRO A 174 -8.00 9.42 -11.32
N TRP A 175 -6.91 9.25 -12.06
CA TRP A 175 -5.55 9.45 -11.56
C TRP A 175 -4.95 10.68 -12.22
N ILE A 176 -4.02 11.31 -11.53
CA ILE A 176 -3.34 12.51 -12.04
C ILE A 176 -1.87 12.43 -11.66
N LEU A 177 -1.06 13.18 -12.40
CA LEU A 177 0.36 13.31 -12.06
C LEU A 177 0.50 14.03 -10.72
N ALA A 178 1.31 13.47 -9.83
CA ALA A 178 1.57 14.11 -8.55
C ALA A 178 2.44 15.36 -8.75
N ASP A 179 2.35 16.26 -7.79
CA ASP A 179 3.15 17.48 -7.76
C ASP A 179 4.36 17.28 -6.87
N GLU A 180 5.34 18.18 -7.03
CA GLU A 180 6.54 18.14 -6.20
C GLU A 180 6.18 18.15 -4.73
N GLN A 181 5.19 18.96 -4.34
CA GLN A 181 4.78 19.04 -2.94
C GLN A 181 4.21 17.71 -2.45
N ASP A 182 3.68 16.89 -3.37
CA ASP A 182 3.11 15.61 -2.95
C ASP A 182 4.18 14.59 -2.55
N VAL A 183 5.42 14.78 -3.00
CA VAL A 183 6.43 13.74 -2.93
C VAL A 183 7.61 14.14 -2.04
N HIS A 184 8.01 15.40 -2.07
CA HIS A 184 9.33 15.78 -1.56
C HIS A 184 9.37 15.75 -0.03
N MET A 185 10.45 15.18 0.49
CA MET A 185 10.80 15.26 1.90
C MET A 185 12.25 15.70 2.00
N HIS A 186 12.55 16.56 2.98
CA HIS A 186 13.89 17.11 3.16
C HIS A 186 14.65 16.22 4.13
N ASP A 187 15.67 15.53 3.62
CA ASP A 187 16.59 14.74 4.44
C ASP A 187 15.84 13.86 5.44
N PRO A 188 15.01 12.93 4.97
CA PRO A 188 14.25 12.08 5.89
C PRO A 188 15.10 10.97 6.49
N ARG A 189 14.65 10.48 7.63
CA ARG A 189 15.22 9.28 8.22
C ARG A 189 14.76 8.05 7.43
N LEU A 190 15.62 7.03 7.39
CA LEU A 190 15.34 5.80 6.67
C LEU A 190 15.16 4.67 7.69
N ILE A 191 14.02 4.00 7.63
CA ILE A 191 13.71 2.87 8.49
C ILE A 191 13.50 1.64 7.61
N PRO A 192 14.53 0.82 7.40
CA PRO A 192 14.35 -0.41 6.63
C PRO A 192 13.47 -1.39 7.38
N LEU A 193 12.43 -1.90 6.71
CA LEU A 193 11.54 -2.86 7.37
C LEU A 193 11.76 -4.31 6.95
N LYS A 194 11.73 -4.60 5.65
CA LYS A 194 11.89 -5.98 5.23
C LYS A 194 12.16 -6.03 3.73
N THR A 195 12.97 -7.02 3.35
CA THR A 195 13.22 -7.34 1.95
C THR A 195 12.96 -8.83 1.73
N MET A 196 12.59 -9.19 0.51
CA MET A 196 12.37 -10.58 0.19
C MET A 196 12.79 -10.84 -1.24
N THR A 197 13.18 -12.09 -1.50
CA THR A 197 13.39 -12.60 -2.84
C THR A 197 12.65 -13.92 -2.97
N SER A 198 11.84 -14.05 -4.01
CA SER A 198 11.14 -15.29 -4.32
C SER A 198 11.34 -15.60 -5.80
N ASP A 199 10.82 -16.74 -6.23
CA ASP A 199 10.96 -17.14 -7.62
C ASP A 199 10.24 -16.20 -8.58
N ILE A 200 9.27 -15.44 -8.08
CA ILE A 200 8.42 -14.62 -8.94
C ILE A 200 8.51 -13.13 -8.65
N LEU A 201 9.14 -12.72 -7.55
CA LEU A 201 9.17 -11.29 -7.25
C LEU A 201 10.19 -11.00 -6.18
N LYS A 202 10.82 -9.84 -6.28
CA LYS A 202 11.65 -9.27 -5.22
C LYS A 202 10.98 -8.00 -4.74
N MET A 203 11.00 -7.77 -3.44
CA MET A 203 10.32 -6.62 -2.87
C MET A 203 11.08 -6.13 -1.65
N GLN A 204 11.16 -4.81 -1.51
CA GLN A 204 11.73 -4.17 -0.35
C GLN A 204 10.72 -3.16 0.19
N LEU A 205 10.59 -3.12 1.52
CA LEU A 205 9.73 -2.17 2.20
C LEU A 205 10.57 -1.38 3.20
N TYR A 206 10.49 -0.06 3.13
CA TYR A 206 11.15 0.80 4.09
C TYR A 206 10.31 2.05 4.26
N VAL A 207 10.54 2.74 5.37
CA VAL A 207 9.83 3.96 5.69
C VAL A 207 10.80 5.13 5.60
N GLU A 208 10.35 6.23 4.99
CA GLU A 208 11.06 7.50 5.05
C GLU A 208 10.26 8.43 5.96
N GLU A 209 10.89 8.86 7.05
CA GLU A 209 10.22 9.65 8.07
C GLU A 209 10.78 11.06 8.10
N ARG A 210 9.90 12.05 8.05
CA ARG A 210 10.32 13.44 8.20
C ARG A 210 10.90 13.65 9.58
N ALA A 211 12.07 14.26 9.66
CA ALA A 211 12.70 14.49 10.95
C ALA A 211 11.82 15.34 11.85
N HIS A 212 11.10 16.30 11.28
CA HIS A 212 10.23 17.18 12.04
C HIS A 212 9.37 16.41 13.04
N LYS B 9 9.70 10.17 -13.76
CA LYS B 9 10.10 11.08 -12.71
C LYS B 9 9.02 11.19 -11.63
N LEU B 10 7.97 11.95 -11.93
CA LEU B 10 6.89 12.14 -10.96
C LEU B 10 5.93 10.96 -10.99
N PRO B 11 5.40 10.56 -9.84
CA PRO B 11 4.46 9.42 -9.81
C PRO B 11 3.04 9.86 -10.12
N LEU B 12 2.17 8.86 -10.25
CA LEU B 12 0.74 9.09 -10.38
C LEU B 12 0.09 8.95 -9.00
N ARG B 13 -1.05 9.62 -8.82
CA ARG B 13 -1.82 9.46 -7.60
C ARG B 13 -3.29 9.59 -7.94
N PRO B 14 -4.17 9.03 -7.12
CA PRO B 14 -5.61 9.24 -7.34
C PRO B 14 -5.97 10.71 -7.18
N LYS B 15 -6.88 11.18 -8.04
CA LYS B 15 -7.38 12.54 -7.90
C LYS B 15 -8.23 12.68 -6.65
N ARG B 16 -9.02 11.67 -6.34
CA ARG B 16 -9.91 11.71 -5.18
C ARG B 16 -9.12 11.47 -3.90
N SER B 17 -9.55 12.09 -2.85
CA SER B 17 -8.96 11.90 -1.54
C SER B 17 -9.73 10.85 -0.75
N PRO B 18 -9.07 10.14 0.16
CA PRO B 18 -9.79 9.16 0.99
C PRO B 18 -10.78 9.84 1.92
N PRO B 19 -11.73 9.08 2.46
CA PRO B 19 -12.79 9.70 3.27
C PRO B 19 -12.30 10.18 4.63
N VAL B 20 -13.01 11.17 5.16
CA VAL B 20 -12.80 11.62 6.53
C VAL B 20 -13.73 10.81 7.43
N ILE B 21 -13.16 10.24 8.49
CA ILE B 21 -13.90 9.37 9.39
C ILE B 21 -13.91 10.01 10.77
N SER B 22 -15.08 10.51 11.17
CA SER B 22 -15.22 11.15 12.46
C SER B 22 -15.18 10.12 13.58
N GLU B 23 -14.87 10.60 14.79
CA GLU B 23 -14.95 9.74 15.97
C GLU B 23 -16.33 9.11 16.10
N GLU B 24 -17.38 9.80 15.64
CA GLU B 24 -18.74 9.28 15.75
C GLU B 24 -18.98 8.19 14.71
N ALA B 25 -18.57 8.41 13.48
CA ALA B 25 -18.75 7.39 12.44
C ALA B 25 -18.02 6.10 12.81
N ALA B 26 -16.90 6.21 13.53
CA ALA B 26 -16.16 5.02 13.94
C ALA B 26 -16.97 4.18 14.90
N GLU B 27 -17.70 4.82 15.83
CA GLU B 27 -18.53 4.06 16.75
C GLU B 27 -19.62 3.31 16.02
N ASP B 28 -20.21 3.93 14.98
CA ASP B 28 -21.20 3.22 14.17
C ASP B 28 -20.58 1.99 13.52
N VAL B 29 -19.38 2.13 12.96
CA VAL B 29 -18.72 1.00 12.32
C VAL B 29 -18.47 -0.10 13.34
N LYS B 30 -17.93 0.26 14.51
CA LYS B 30 -17.64 -0.72 15.54
C LYS B 30 -18.90 -1.43 16.01
N GLN B 31 -20.04 -0.72 16.01
CA GLN B 31 -21.28 -1.29 16.53
C GLN B 31 -21.89 -2.30 15.57
N TYR B 32 -21.99 -1.95 14.28
CA TYR B 32 -22.75 -2.74 13.33
C TYR B 32 -21.90 -3.60 12.41
N LEU B 33 -20.65 -3.21 12.14
CA LEU B 33 -19.88 -3.81 11.06
C LEU B 33 -18.69 -4.63 11.55
N THR B 34 -18.66 -4.98 12.84
CA THR B 34 -17.62 -5.82 13.39
C THR B 34 -18.24 -7.10 13.97
N ILE B 35 -17.39 -8.11 14.14
CA ILE B 35 -17.84 -9.42 14.59
C ILE B 35 -17.60 -9.57 16.08
S SO4 C . 10.42 -7.16 -18.27
O1 SO4 C . 9.66 -7.72 -17.17
O2 SO4 C . 9.52 -6.42 -19.14
O3 SO4 C . 11.45 -6.25 -17.74
O4 SO4 C . 11.07 -8.24 -19.01
S SO4 D . 15.60 -7.80 5.99
O1 SO4 D . 14.91 -6.55 6.08
O2 SO4 D . 15.62 -8.54 7.22
O3 SO4 D . 16.95 -7.38 5.66
O4 SO4 D . 14.91 -8.61 5.04
S SO4 E . -12.68 14.18 -3.42
O1 SO4 E . -13.72 14.69 -2.54
O2 SO4 E . -12.73 14.86 -4.70
O3 SO4 E . -11.36 14.42 -2.82
O4 SO4 E . -12.86 12.75 -3.62
#